data_1RTF
#
_entry.id   1RTF
#
_cell.length_a   59.200
_cell.length_b   59.200
_cell.length_c   136.330
_cell.angle_alpha   90.00
_cell.angle_beta   90.00
_cell.angle_gamma   120.00
#
_symmetry.space_group_name_H-M   'P 31 2 1'
#
loop_
_entity.id
_entity.type
_entity.pdbx_description
1 polymer 'TWO CHAIN TISSUE PLASMINOGEN ACTIVATOR'
2 polymer 'TWO CHAIN TISSUE PLASMINOGEN ACTIVATOR'
3 non-polymer 'PHOSPHATE ION'
4 non-polymer BENZAMIDINE
5 water water
#
loop_
_entity_poly.entity_id
_entity_poly.type
_entity_poly.pdbx_seq_one_letter_code
_entity_poly.pdbx_strand_id
1 'polypeptide(L)' SYQSTCGLRQYSQRQRR A
2 'polypeptide(L)'
;IKGGLFADIASHPWQAAIFAKHRRSPGERFLCGGILISSCWILSAAHCFQERFPPHHLTVILGRTYRVVPGEEEQKFEVE
KYIVHKEFDDDTYDNDIALLQLKSDSSRCAQESSVVRTVCLPPADLQLPDWTECELSGYGKHEALSPFYSERLKEAHVRL
YPSSRCTSQHLLNRTVTDNMLCAGDTRSGGPQANLHDACQGDSGGPLVCLNDGRMTLVGIISWGLGCGQKDVPGVYTKVT
NYLDWIRDNMRP
;
B
#
# COMPACT_ATOMS: atom_id res chain seq x y z
N THR A 5 12.90 -14.04 6.88
CA THR A 5 12.35 -14.03 5.49
C THR A 5 11.34 -12.88 5.39
N CYS A 6 10.16 -13.15 4.84
CA CYS A 6 9.14 -12.12 4.69
C CYS A 6 8.46 -11.76 6.01
N GLY A 7 7.96 -10.53 6.10
CA GLY A 7 7.25 -10.11 7.28
C GLY A 7 8.05 -9.92 8.55
N LEU A 8 9.37 -10.02 8.48
CA LEU A 8 10.16 -9.79 9.68
C LEU A 8 10.55 -8.32 9.68
N ARG A 9 10.59 -7.69 10.84
CA ARG A 9 10.99 -6.29 10.89
C ARG A 9 11.85 -5.95 12.10
N GLN A 10 12.47 -4.79 12.06
CA GLN A 10 13.28 -4.36 13.17
C GLN A 10 12.33 -4.09 14.35
N TYR A 11 12.24 -5.07 15.25
CA TYR A 11 11.41 -5.00 16.46
C TYR A 11 12.19 -4.30 17.60
N SER A 12 13.26 -3.71 17.32
N ILE B 1 -0.66 9.79 6.16
CA ILE B 1 -1.33 9.05 7.27
C ILE B 1 -1.94 10.10 8.17
N LYS B 2 -3.19 9.90 8.54
CA LYS B 2 -3.91 10.82 9.40
C LYS B 2 -3.79 10.16 10.78
N GLY B 3 -3.46 10.94 11.81
CA GLY B 3 -3.27 10.37 13.13
C GLY B 3 -1.99 9.54 13.08
N GLY B 4 -1.90 8.50 13.88
CA GLY B 4 -0.70 7.67 13.83
C GLY B 4 0.56 8.29 14.43
N LEU B 5 1.72 7.82 13.97
CA LEU B 5 3.00 8.30 14.47
C LEU B 5 4.05 8.32 13.37
N PHE B 6 5.13 9.05 13.60
CA PHE B 6 6.22 9.05 12.64
C PHE B 6 6.91 7.70 12.84
N ALA B 7 7.38 7.09 11.76
CA ALA B 7 7.99 5.78 11.85
C ALA B 7 9.34 5.73 11.14
N ASP B 8 10.06 4.63 11.36
CA ASP B 8 11.36 4.38 10.74
C ASP B 8 11.13 3.34 9.69
N ILE B 9 11.83 3.44 8.56
CA ILE B 9 11.60 2.49 7.48
C ILE B 9 11.86 1.02 7.87
N ALA B 10 12.66 0.81 8.91
CA ALA B 10 13.01 -0.52 9.39
C ALA B 10 11.87 -1.25 10.02
N SER B 11 10.84 -0.52 10.43
CA SER B 11 9.64 -1.09 11.03
C SER B 11 8.64 -1.50 9.94
N HIS B 12 8.89 -1.08 8.70
CA HIS B 12 8.01 -1.38 7.57
C HIS B 12 8.93 -1.44 6.35
N PRO B 13 9.89 -2.39 6.31
CA PRO B 13 10.85 -2.53 5.19
C PRO B 13 10.31 -2.92 3.82
N TRP B 14 9.01 -3.18 3.73
CA TRP B 14 8.37 -3.55 2.48
C TRP B 14 7.76 -2.33 1.80
N GLN B 15 7.73 -1.21 2.50
CA GLN B 15 7.18 0.04 1.96
C GLN B 15 8.05 0.60 0.86
N ALA B 16 7.45 0.84 -0.29
CA ALA B 16 8.14 1.42 -1.45
C ALA B 16 7.57 2.82 -1.70
N ALA B 17 8.40 3.72 -2.21
CA ALA B 17 7.94 5.06 -2.53
C ALA B 17 8.08 5.09 -4.05
N ILE B 18 7.00 5.47 -4.75
CA ILE B 18 7.02 5.53 -6.22
C ILE B 18 7.02 6.99 -6.70
N PHE B 19 8.00 7.35 -7.53
CA PHE B 19 8.11 8.70 -8.08
C PHE B 19 7.91 8.73 -9.59
N ALA B 20 7.35 9.83 -10.07
CA ALA B 20 7.12 10.01 -11.49
C ALA B 20 7.88 11.26 -11.92
N LYS B 21 8.53 11.20 -13.09
CA LYS B 21 9.27 12.36 -13.63
C LYS B 21 8.25 13.42 -13.97
N HIS B 22 8.56 14.65 -13.59
CA HIS B 22 7.70 15.79 -13.83
C HIS B 22 8.09 16.39 -15.19
N ARG B 23 7.80 15.75 -16.24
N GLY B 27 13.36 16.90 -11.94
CA GLY B 27 11.94 17.09 -11.56
C GLY B 27 11.27 15.74 -11.36
N GLU B 28 10.96 15.45 -10.10
CA GLU B 28 10.32 14.20 -9.71
C GLU B 28 9.10 14.59 -8.93
N ARG B 29 8.18 13.67 -8.83
CA ARG B 29 6.96 13.94 -8.11
C ARG B 29 6.63 12.64 -7.38
N PHE B 30 6.25 12.74 -6.12
CA PHE B 30 5.83 11.56 -5.37
C PHE B 30 4.46 11.19 -5.94
N LEU B 31 4.33 9.93 -6.34
CA LEU B 31 3.10 9.42 -6.91
C LEU B 31 2.23 8.64 -5.90
N CYS B 32 2.75 7.50 -5.43
CA CYS B 32 2.01 6.64 -4.50
C CYS B 32 2.97 5.76 -3.73
N GLY B 33 2.42 4.88 -2.91
CA GLY B 33 3.24 3.96 -2.16
C GLY B 33 3.23 2.66 -2.93
N GLY B 34 3.98 1.70 -2.41
CA GLY B 34 4.04 0.40 -3.05
C GLY B 34 4.35 -0.59 -1.97
N ILE B 35 4.37 -1.87 -2.31
CA ILE B 35 4.65 -2.93 -1.35
C ILE B 35 5.59 -3.95 -2.02
N LEU B 36 6.72 -4.21 -1.40
CA LEU B 36 7.67 -5.19 -1.95
C LEU B 36 7.17 -6.58 -1.58
N ILE B 37 6.84 -7.35 -2.62
CA ILE B 37 6.36 -8.73 -2.49
C ILE B 37 7.40 -9.78 -2.92
N SER B 38 8.33 -9.41 -3.81
CA SER B 38 9.42 -10.28 -4.24
C SER B 38 10.62 -9.39 -4.55
N SER B 39 11.76 -9.98 -4.91
CA SER B 39 12.94 -9.18 -5.20
C SER B 39 12.72 -8.13 -6.27
N CYS B 40 11.99 -8.48 -7.32
CA CYS B 40 11.77 -7.57 -8.45
C CYS B 40 10.33 -7.13 -8.64
N TRP B 41 9.45 -7.43 -7.70
CA TRP B 41 8.07 -7.05 -7.91
C TRP B 41 7.51 -6.30 -6.76
N ILE B 42 6.70 -5.30 -7.07
CA ILE B 42 6.08 -4.53 -6.03
C ILE B 42 4.60 -4.37 -6.40
N LEU B 43 3.74 -4.41 -5.39
CA LEU B 43 2.31 -4.21 -5.62
C LEU B 43 1.95 -2.75 -5.35
N SER B 44 0.93 -2.28 -6.03
CA SER B 44 0.46 -0.92 -5.84
C SER B 44 -1.02 -0.86 -6.28
N ALA B 45 -1.57 0.34 -6.35
CA ALA B 45 -2.97 0.58 -6.71
C ALA B 45 -3.08 0.97 -8.17
N ALA B 46 -4.07 0.40 -8.85
CA ALA B 46 -4.32 0.70 -10.26
C ALA B 46 -4.65 2.17 -10.51
N HIS B 47 -5.32 2.83 -9.58
CA HIS B 47 -5.70 4.23 -9.78
C HIS B 47 -4.51 5.16 -9.82
N CYS B 48 -3.35 4.70 -9.35
CA CYS B 48 -2.14 5.52 -9.33
C CYS B 48 -1.56 5.73 -10.75
N PHE B 49 -1.96 4.85 -11.68
CA PHE B 49 -1.44 4.91 -13.02
C PHE B 49 -2.41 5.39 -14.06
N GLN B 50 -3.41 6.13 -13.65
CA GLN B 50 -4.39 6.67 -14.59
C GLN B 50 -3.73 7.60 -15.61
N GLU B 51 -2.74 8.37 -15.19
CA GLU B 51 -2.07 9.29 -16.11
C GLU B 51 -1.20 8.58 -17.14
N ARG B 52 -1.11 7.26 -17.02
CA ARG B 52 -0.36 6.38 -17.95
C ARG B 52 1.10 6.73 -18.31
N PHE B 53 1.94 6.90 -17.29
CA PHE B 53 3.35 7.25 -17.45
C PHE B 53 4.08 6.07 -18.04
N PRO B 54 5.03 6.32 -18.95
CA PRO B 54 5.72 5.15 -19.49
C PRO B 54 6.63 4.64 -18.36
N PRO B 55 6.94 3.33 -18.37
CA PRO B 55 7.77 2.74 -17.33
C PRO B 55 9.03 3.56 -17.01
N HIS B 56 9.67 4.08 -18.05
CA HIS B 56 10.90 4.86 -17.87
C HIS B 56 10.73 6.16 -17.12
N HIS B 57 9.50 6.52 -16.82
CA HIS B 57 9.26 7.73 -16.08
C HIS B 57 9.07 7.49 -14.61
N LEU B 58 9.00 6.21 -14.24
CA LEU B 58 8.76 5.84 -12.86
C LEU B 58 10.05 5.36 -12.18
N THR B 59 10.16 5.68 -10.88
CA THR B 59 11.29 5.26 -10.07
C THR B 59 10.71 4.68 -8.81
N VAL B 60 11.29 3.59 -8.34
CA VAL B 60 10.82 3.00 -7.11
C VAL B 60 11.99 3.03 -6.16
N ILE B 61 11.75 3.60 -4.97
CA ILE B 61 12.77 3.68 -3.93
C ILE B 61 12.34 2.83 -2.76
N LEU B 62 13.32 2.12 -2.21
CA LEU B 62 13.15 1.24 -1.08
C LEU B 62 14.14 1.65 0.00
N GLY B 63 13.75 1.54 1.28
CA GLY B 63 14.64 1.87 2.36
C GLY B 63 14.77 3.35 2.73
N ARG B 64 13.74 4.13 2.46
CA ARG B 64 13.76 5.55 2.77
C ARG B 64 12.78 5.95 3.87
N THR B 65 13.27 6.55 4.95
CA THR B 65 12.40 7.00 6.06
C THR B 65 11.74 8.34 5.71
N TYR B 66 12.54 9.27 5.17
CA TYR B 66 12.04 10.57 4.76
C TYR B 66 11.66 10.50 3.29
N ARG B 67 10.57 11.16 2.92
CA ARG B 67 10.12 11.08 1.55
C ARG B 67 11.15 11.55 0.54
N VAL B 68 11.78 12.70 0.81
CA VAL B 68 12.77 13.26 -0.12
C VAL B 68 14.21 13.37 0.34
N VAL B 69 14.51 12.83 1.52
CA VAL B 69 15.86 12.86 2.04
C VAL B 69 16.33 11.42 1.90
N PRO B 70 17.38 11.18 1.10
CA PRO B 70 17.94 9.86 0.85
C PRO B 70 18.39 9.14 2.09
N GLY B 71 18.01 7.87 2.19
CA GLY B 71 18.42 7.07 3.33
C GLY B 71 19.79 6.52 3.01
N GLU B 72 20.54 6.13 4.03
CA GLU B 72 21.87 5.59 3.81
C GLU B 72 21.88 4.21 3.15
N GLU B 73 20.83 3.41 3.38
CA GLU B 73 20.77 2.08 2.79
C GLU B 73 19.62 1.93 1.79
N GLU B 74 19.23 3.01 1.13
CA GLU B 74 18.12 2.91 0.18
C GLU B 74 18.54 2.24 -1.12
N GLN B 75 17.56 1.74 -1.87
CA GLN B 75 17.82 1.09 -3.15
C GLN B 75 16.84 1.69 -4.16
N LYS B 76 17.36 2.37 -5.17
CA LYS B 76 16.51 3.01 -6.18
C LYS B 76 16.43 2.05 -7.33
N PHE B 77 15.30 2.00 -8.01
CA PHE B 77 15.14 1.12 -9.16
C PHE B 77 14.31 1.80 -10.20
N GLU B 78 14.55 1.40 -11.45
CA GLU B 78 13.82 1.89 -12.60
C GLU B 78 12.73 0.85 -12.77
N VAL B 79 11.67 1.21 -13.47
CA VAL B 79 10.59 0.28 -13.68
C VAL B 79 10.69 -0.33 -15.06
N GLU B 80 10.78 -1.65 -15.09
CA GLU B 80 10.86 -2.41 -16.33
C GLU B 80 9.56 -2.23 -17.09
N LYS B 81 8.48 -2.49 -16.38
CA LYS B 81 7.14 -2.39 -16.93
C LYS B 81 6.19 -2.50 -15.74
N TYR B 82 4.91 -2.22 -15.98
CA TYR B 82 3.92 -2.34 -14.94
C TYR B 82 2.62 -2.85 -15.50
N ILE B 83 1.87 -3.58 -14.68
CA ILE B 83 0.61 -4.18 -15.06
C ILE B 83 -0.51 -3.67 -14.18
N VAL B 84 -1.48 -3.01 -14.79
CA VAL B 84 -2.62 -2.51 -14.06
C VAL B 84 -3.73 -3.52 -14.33
N HIS B 85 -4.55 -3.84 -13.35
CA HIS B 85 -5.64 -4.80 -13.55
C HIS B 85 -6.59 -4.43 -14.71
N LYS B 86 -6.82 -5.39 -15.59
CA LYS B 86 -7.67 -5.19 -16.76
C LYS B 86 -9.08 -4.68 -16.45
N GLU B 87 -9.65 -5.13 -15.33
CA GLU B 87 -11.00 -4.72 -14.95
C GLU B 87 -11.07 -3.65 -13.87
N PHE B 88 -10.07 -2.79 -13.81
CA PHE B 88 -10.07 -1.71 -12.85
C PHE B 88 -11.13 -0.75 -13.34
N ASP B 89 -12.02 -0.33 -12.44
CA ASP B 89 -13.08 0.59 -12.80
C ASP B 89 -12.68 1.94 -12.30
N ASP B 90 -12.48 2.86 -13.23
CA ASP B 90 -12.09 4.20 -12.87
C ASP B 90 -13.12 4.96 -12.07
N ASP B 91 -14.38 4.55 -12.14
CA ASP B 91 -15.44 5.24 -11.37
C ASP B 91 -15.67 4.70 -9.96
N THR B 92 -15.64 3.38 -9.79
CA THR B 92 -15.91 2.79 -8.49
C THR B 92 -14.64 2.34 -7.73
N TYR B 93 -13.54 2.22 -8.47
CA TYR B 93 -12.23 1.79 -7.98
C TYR B 93 -12.14 0.31 -7.72
N ASP B 94 -13.10 -0.44 -8.25
CA ASP B 94 -13.13 -1.89 -8.08
C ASP B 94 -11.92 -2.43 -8.84
N ASN B 95 -11.29 -3.46 -8.31
CA ASN B 95 -10.10 -4.06 -8.96
C ASN B 95 -8.91 -3.11 -8.97
N ASP B 96 -8.76 -2.34 -7.90
CA ASP B 96 -7.68 -1.38 -7.73
C ASP B 96 -6.35 -2.06 -7.29
N ILE B 97 -5.66 -2.69 -8.24
CA ILE B 97 -4.42 -3.41 -7.99
C ILE B 97 -3.52 -3.35 -9.24
N ALA B 98 -2.21 -3.20 -9.01
CA ALA B 98 -1.21 -3.14 -10.08
C ALA B 98 0.04 -3.85 -9.60
N LEU B 99 0.87 -4.24 -10.57
CA LEU B 99 2.15 -4.92 -10.35
C LEU B 99 3.21 -4.13 -11.07
N LEU B 100 4.33 -3.83 -10.41
CA LEU B 100 5.39 -3.09 -11.06
C LEU B 100 6.63 -3.95 -11.02
N GLN B 101 7.33 -4.04 -12.16
CA GLN B 101 8.53 -4.83 -12.27
C GLN B 101 9.77 -3.94 -12.21
N LEU B 102 10.73 -4.30 -11.38
CA LEU B 102 11.94 -3.50 -11.23
C LEU B 102 12.95 -3.85 -12.33
N LYS B 103 13.71 -2.86 -12.78
CA LYS B 103 14.72 -3.07 -13.79
C LYS B 103 15.98 -3.55 -13.09
N SER B 104 16.73 -4.43 -13.74
CA SER B 104 17.93 -4.99 -13.15
C SER B 104 18.72 -5.76 -14.21
N ASP B 105 19.93 -6.16 -13.87
CA ASP B 105 20.79 -6.90 -14.79
C ASP B 105 20.71 -8.44 -14.65
N SER B 106 19.86 -8.91 -13.74
CA SER B 106 19.67 -10.33 -13.50
C SER B 106 18.22 -10.55 -13.03
N SER B 107 17.92 -11.76 -12.57
CA SER B 107 16.58 -12.06 -12.06
C SER B 107 16.44 -11.60 -10.59
N ARG B 108 17.44 -10.89 -10.05
CA ARG B 108 17.36 -10.40 -8.67
C ARG B 108 17.49 -8.88 -8.69
N CYS B 109 16.56 -8.20 -8.02
CA CYS B 109 16.57 -6.76 -7.99
C CYS B 109 16.86 -6.19 -6.62
N ALA B 110 15.84 -6.11 -5.76
CA ALA B 110 16.05 -5.60 -4.41
C ALA B 110 16.79 -6.67 -3.60
N GLN B 111 17.62 -6.21 -2.67
CA GLN B 111 18.38 -7.10 -1.82
C GLN B 111 17.97 -6.82 -0.40
N GLU B 112 17.85 -7.88 0.38
CA GLU B 112 17.43 -7.80 1.76
C GLU B 112 18.43 -7.11 2.63
N SER B 113 17.91 -6.29 3.54
CA SER B 113 18.73 -5.56 4.48
C SER B 113 17.78 -5.26 5.60
N SER B 114 18.24 -4.51 6.61
CA SER B 114 17.37 -4.17 7.73
C SER B 114 16.28 -3.20 7.32
N VAL B 115 16.49 -2.55 6.18
CA VAL B 115 15.56 -1.55 5.65
C VAL B 115 14.79 -1.97 4.41
N VAL B 116 15.09 -3.15 3.90
CA VAL B 116 14.40 -3.64 2.72
C VAL B 116 14.12 -5.11 2.95
N ARG B 117 12.84 -5.47 2.94
CA ARG B 117 12.38 -6.85 3.16
C ARG B 117 10.94 -6.96 2.66
N THR B 118 10.56 -8.14 2.19
CA THR B 118 9.22 -8.39 1.67
C THR B 118 8.17 -8.68 2.75
N VAL B 119 6.90 -8.39 2.48
CA VAL B 119 5.84 -8.74 3.41
C VAL B 119 5.49 -10.15 2.94
N CYS B 120 4.74 -10.91 3.74
CA CYS B 120 4.31 -12.23 3.28
C CYS B 120 2.93 -12.08 2.64
N LEU B 121 2.66 -12.80 1.56
CA LEU B 121 1.34 -12.73 0.94
C LEU B 121 0.41 -13.57 1.83
N PRO B 122 -0.90 -13.26 1.84
CA PRO B 122 -1.82 -14.02 2.68
C PRO B 122 -2.21 -15.36 2.11
N PRO B 123 -2.57 -16.31 3.00
CA PRO B 123 -2.99 -17.64 2.54
C PRO B 123 -4.36 -17.38 1.91
N ALA B 124 -4.62 -18.05 0.79
CA ALA B 124 -5.88 -17.84 0.08
C ALA B 124 -7.09 -17.96 1.00
N ASP B 125 -6.99 -18.85 1.99
CA ASP B 125 -8.09 -19.02 2.94
C ASP B 125 -7.83 -18.28 4.22
N LEU B 126 -7.24 -17.09 4.13
CA LEU B 126 -6.99 -16.32 5.35
C LEU B 126 -8.28 -15.64 5.71
N GLN B 127 -8.65 -15.73 6.98
CA GLN B 127 -9.85 -15.09 7.50
C GLN B 127 -9.52 -14.71 8.94
N LEU B 128 -9.57 -13.42 9.22
CA LEU B 128 -9.29 -12.91 10.55
C LEU B 128 -10.60 -12.50 11.22
N PRO B 129 -10.64 -12.56 12.55
CA PRO B 129 -11.83 -12.18 13.32
C PRO B 129 -12.10 -10.69 13.13
N ASP B 130 -13.35 -10.27 13.31
CA ASP B 130 -13.69 -8.87 13.21
C ASP B 130 -12.91 -8.10 14.27
N TRP B 131 -12.54 -6.88 13.92
CA TRP B 131 -11.84 -6.02 14.84
C TRP B 131 -10.38 -6.36 15.06
N THR B 132 -9.82 -7.26 14.27
CA THR B 132 -8.40 -7.60 14.40
C THR B 132 -7.61 -6.30 14.22
N GLU B 133 -6.59 -6.08 15.04
CA GLU B 133 -5.81 -4.86 14.90
C GLU B 133 -4.71 -5.08 13.87
N CYS B 134 -4.62 -4.14 12.94
CA CYS B 134 -3.64 -4.22 11.88
C CYS B 134 -3.02 -2.86 11.79
N GLU B 135 -1.99 -2.71 10.97
CA GLU B 135 -1.37 -1.42 10.85
C GLU B 135 -1.09 -1.09 9.41
N LEU B 136 -0.82 0.18 9.15
CA LEU B 136 -0.53 0.63 7.79
C LEU B 136 0.58 1.66 7.80
N SER B 137 1.07 2.01 6.61
CA SER B 137 2.12 3.01 6.51
C SER B 137 2.07 3.82 5.18
N GLY B 138 2.76 4.96 5.13
CA GLY B 138 2.77 5.76 3.92
C GLY B 138 3.36 7.13 4.15
N TYR B 139 3.69 7.83 3.05
CA TYR B 139 4.28 9.17 3.10
C TYR B 139 3.21 10.20 2.72
N GLY B 140 1.97 9.76 2.64
CA GLY B 140 0.90 10.65 2.26
C GLY B 140 0.58 11.76 3.25
N LYS B 141 -0.42 12.54 2.88
CA LYS B 141 -0.89 13.66 3.67
C LYS B 141 -1.30 13.28 5.07
N HIS B 142 -1.26 14.29 5.94
CA HIS B 142 -1.65 14.15 7.33
C HIS B 142 -3.14 14.45 7.51
N GLU B 143 -3.67 15.26 6.60
CA GLU B 143 -5.07 15.62 6.64
C GLU B 143 -5.45 15.80 5.20
N ALA B 144 -6.74 15.60 4.93
CA ALA B 144 -7.27 15.73 3.58
C ALA B 144 -7.07 17.13 2.99
N LEU B 145 -7.23 18.16 3.82
CA LEU B 145 -7.07 19.53 3.34
C LEU B 145 -5.63 19.98 3.23
N SER B 146 -4.70 19.09 3.52
CA SER B 146 -3.29 19.42 3.44
C SER B 146 -2.82 19.44 1.98
N PRO B 147 -1.98 20.41 1.61
CA PRO B 147 -1.46 20.52 0.23
C PRO B 147 -0.08 19.89 0.09
N PHE B 148 0.39 19.25 1.15
CA PHE B 148 1.71 18.66 1.13
C PHE B 148 1.64 17.25 1.64
N TYR B 149 2.51 16.39 1.12
CA TYR B 149 2.59 15.02 1.60
C TYR B 149 3.49 15.06 2.84
N SER B 150 3.69 13.91 3.48
CA SER B 150 4.53 13.90 4.66
C SER B 150 6.01 13.91 4.32
N GLU B 151 6.80 14.56 5.17
CA GLU B 151 8.25 14.62 4.98
C GLU B 151 8.85 13.29 5.44
N ARG B 152 8.16 12.61 6.38
CA ARG B 152 8.59 11.34 6.94
C ARG B 152 7.50 10.29 6.92
N LEU B 153 7.92 9.01 6.82
CA LEU B 153 7.03 7.86 6.83
C LEU B 153 6.24 7.89 8.12
N LYS B 154 4.97 7.54 8.06
CA LYS B 154 4.11 7.47 9.24
C LYS B 154 3.42 6.13 9.26
N GLU B 155 2.94 5.76 10.44
CA GLU B 155 2.21 4.52 10.63
C GLU B 155 0.97 4.79 11.47
N ALA B 156 -0.06 3.99 11.22
CA ALA B 156 -1.33 4.06 11.93
C ALA B 156 -1.76 2.63 12.26
N HIS B 157 -2.65 2.49 13.22
CA HIS B 157 -3.15 1.18 13.64
C HIS B 157 -4.66 1.23 13.55
N VAL B 158 -5.24 0.36 12.74
CA VAL B 158 -6.67 0.32 12.58
C VAL B 158 -7.17 -1.09 12.87
N ARG B 159 -8.49 -1.28 12.87
CA ARG B 159 -9.10 -2.58 13.11
C ARG B 159 -9.99 -2.95 11.94
N LEU B 160 -9.98 -4.22 11.55
CA LEU B 160 -10.80 -4.67 10.43
C LEU B 160 -12.27 -4.56 10.83
N TYR B 161 -13.06 -3.90 9.98
CA TYR B 161 -14.48 -3.73 10.25
C TYR B 161 -15.24 -4.92 9.76
N PRO B 162 -16.40 -5.20 10.36
CA PRO B 162 -17.18 -6.35 9.90
C PRO B 162 -17.66 -6.05 8.46
N SER B 163 -17.81 -7.10 7.63
CA SER B 163 -18.30 -6.97 6.24
C SER B 163 -19.66 -6.30 6.26
N SER B 164 -20.43 -6.55 7.32
CA SER B 164 -21.76 -5.98 7.51
C SER B 164 -21.72 -4.46 7.62
N ARG B 165 -20.58 -3.93 8.07
CA ARG B 165 -20.40 -2.48 8.21
C ARG B 165 -19.55 -1.92 7.08
N CYS B 166 -19.28 -2.76 6.09
CA CYS B 166 -18.50 -2.32 4.96
C CYS B 166 -19.45 -2.32 3.77
N THR B 167 -20.43 -1.43 3.80
CA THR B 167 -21.39 -1.38 2.70
C THR B 167 -21.60 0.03 2.19
N SER B 168 -22.28 0.15 1.05
CA SER B 168 -22.58 1.42 0.42
C SER B 168 -23.26 2.35 1.41
N GLN B 169 -24.24 1.79 2.13
CA GLN B 169 -25.00 2.54 3.13
C GLN B 169 -24.08 3.15 4.17
N HIS B 170 -22.99 2.45 4.45
CA HIS B 170 -22.01 2.89 5.42
C HIS B 170 -21.03 3.88 4.83
N LEU B 171 -20.78 3.76 3.54
CA LEU B 171 -19.85 4.66 2.88
C LEU B 171 -20.52 5.75 2.07
N LEU B 172 -21.61 6.30 2.62
CA LEU B 172 -22.39 7.37 2.00
C LEU B 172 -22.81 7.06 0.57
N ASN B 173 -23.27 5.83 0.37
CA ASN B 173 -23.71 5.32 -0.92
C ASN B 173 -22.66 5.26 -2.02
N ARG B 174 -21.40 5.24 -1.61
CA ARG B 174 -20.32 5.12 -2.58
C ARG B 174 -20.29 3.61 -2.76
N THR B 175 -20.10 3.17 -3.99
CA THR B 175 -20.08 1.75 -4.32
C THR B 175 -19.00 0.93 -3.64
N VAL B 176 -19.41 -0.20 -3.06
CA VAL B 176 -18.51 -1.12 -2.35
C VAL B 176 -18.72 -2.55 -2.89
N THR B 177 -17.68 -3.17 -3.43
CA THR B 177 -17.79 -4.52 -3.97
C THR B 177 -17.11 -5.53 -3.06
N ASP B 178 -17.25 -6.81 -3.40
CA ASP B 178 -16.65 -7.90 -2.62
C ASP B 178 -15.12 -7.87 -2.66
N ASN B 179 -14.58 -7.08 -3.58
CA ASN B 179 -13.15 -6.97 -3.73
C ASN B 179 -12.59 -5.87 -2.83
N MET B 180 -13.39 -5.41 -1.88
CA MET B 180 -12.96 -4.36 -0.98
C MET B 180 -13.09 -4.76 0.49
N LEU B 181 -12.28 -4.13 1.33
CA LEU B 181 -12.33 -4.37 2.77
C LEU B 181 -12.20 -3.05 3.51
N CYS B 182 -12.90 -2.96 4.63
CA CYS B 182 -12.91 -1.76 5.45
C CYS B 182 -12.11 -1.98 6.71
N ALA B 183 -11.48 -0.92 7.16
CA ALA B 183 -10.68 -0.94 8.38
C ALA B 183 -10.63 0.49 8.87
N GLY B 184 -10.72 0.67 10.17
CA GLY B 184 -10.66 2.03 10.70
C GLY B 184 -10.32 2.04 12.17
N ASP B 185 -10.30 3.23 12.75
CA ASP B 185 -10.02 3.44 14.16
C ASP B 185 -11.40 3.35 14.88
N THR B 186 -11.53 2.45 15.85
CA THR B 186 -12.80 2.27 16.59
C THR B 186 -12.82 3.09 17.89
N ARG B 187 -12.72 4.42 17.79
CA ARG B 187 -12.74 5.29 18.95
C ARG B 187 -13.50 6.59 18.64
N SER B 188 -13.22 7.63 19.28
N ASN B 194 -7.84 12.47 17.56
CA ASN B 194 -7.11 12.16 16.29
C ASN B 194 -7.22 10.67 15.95
N LEU B 195 -8.17 10.34 15.08
CA LEU B 195 -8.39 8.98 14.62
C LEU B 195 -7.38 8.64 13.53
N HIS B 196 -6.89 7.41 13.54
CA HIS B 196 -5.93 6.97 12.55
C HIS B 196 -6.64 6.58 11.28
N ASP B 197 -6.00 6.80 10.14
CA ASP B 197 -6.58 6.48 8.86
C ASP B 197 -5.51 6.74 7.81
N ALA B 198 -5.72 6.15 6.64
CA ALA B 198 -4.85 6.35 5.50
C ALA B 198 -5.34 7.70 4.95
N CYS B 199 -4.60 8.28 4.02
CA CYS B 199 -5.00 9.57 3.46
C CYS B 199 -4.37 9.64 2.07
N GLN B 200 -4.72 10.67 1.31
CA GLN B 200 -4.22 10.86 -0.06
C GLN B 200 -2.71 10.83 -0.08
N GLY B 201 -2.16 10.03 -0.97
CA GLY B 201 -0.73 9.88 -1.08
C GLY B 201 -0.27 8.56 -0.50
N ASP B 202 -1.13 7.94 0.32
CA ASP B 202 -0.82 6.65 0.93
C ASP B 202 -1.29 5.51 0.06
N SER B 203 -2.09 5.83 -0.94
CA SER B 203 -2.62 4.83 -1.85
C SER B 203 -1.51 3.95 -2.39
N GLY B 204 -1.84 2.67 -2.56
CA GLY B 204 -0.89 1.70 -3.08
C GLY B 204 -0.06 1.07 -2.00
N GLY B 205 -0.10 1.65 -0.80
CA GLY B 205 0.64 1.15 0.34
C GLY B 205 0.01 -0.06 1.01
N PRO B 206 0.64 -0.59 2.06
CA PRO B 206 0.09 -1.77 2.71
C PRO B 206 -0.75 -1.65 3.96
N LEU B 207 -1.64 -2.62 4.13
CA LEU B 207 -2.45 -2.80 5.33
C LEU B 207 -1.99 -4.23 5.70
N VAL B 208 -1.21 -4.36 6.76
CA VAL B 208 -0.67 -5.67 7.17
C VAL B 208 -1.08 -6.06 8.57
N CYS B 209 -1.25 -7.35 8.79
CA CYS B 209 -1.66 -7.84 10.07
C CYS B 209 -0.71 -8.95 10.48
N LEU B 210 -0.47 -9.07 11.77
CA LEU B 210 0.41 -10.09 12.31
C LEU B 210 -0.34 -11.40 12.19
N ASN B 211 0.30 -12.35 11.53
CA ASN B 211 -0.29 -13.66 11.33
C ASN B 211 0.84 -14.68 11.49
N ASP B 212 0.87 -15.31 12.66
CA ASP B 212 1.87 -16.30 13.02
C ASP B 212 3.27 -15.70 13.09
N GLY B 213 3.40 -14.58 13.80
CA GLY B 213 4.70 -13.93 13.94
C GLY B 213 5.25 -13.20 12.73
N ARG B 214 4.50 -13.15 11.62
CA ARG B 214 4.95 -12.46 10.42
C ARG B 214 3.92 -11.40 9.99
N MET B 215 4.39 -10.26 9.50
CA MET B 215 3.45 -9.26 9.02
C MET B 215 3.01 -9.79 7.65
N THR B 216 1.71 -9.90 7.47
CA THR B 216 1.09 -10.45 6.27
C THR B 216 0.27 -9.38 5.56
N LEU B 217 0.37 -9.32 4.25
CA LEU B 217 -0.38 -8.33 3.49
C LEU B 217 -1.84 -8.68 3.50
N VAL B 218 -2.66 -7.74 3.94
CA VAL B 218 -4.09 -7.96 3.98
C VAL B 218 -4.81 -7.04 3.00
N GLY B 219 -4.30 -5.82 2.79
CA GLY B 219 -4.99 -4.94 1.88
C GLY B 219 -4.08 -3.90 1.28
N ILE B 220 -4.53 -3.31 0.17
CA ILE B 220 -3.79 -2.25 -0.51
C ILE B 220 -4.63 -1.02 -0.26
N ILE B 221 -4.02 0.03 0.32
CA ILE B 221 -4.68 1.29 0.61
C ILE B 221 -5.30 1.79 -0.71
N SER B 222 -6.63 1.87 -0.75
CA SER B 222 -7.31 2.25 -1.98
C SER B 222 -8.02 3.61 -1.95
N TRP B 223 -9.06 3.74 -1.14
CA TRP B 223 -9.79 4.99 -1.06
C TRP B 223 -10.51 5.21 0.24
N GLY B 224 -11.23 6.32 0.32
CA GLY B 224 -11.96 6.68 1.52
C GLY B 224 -12.60 8.04 1.37
N LEU B 225 -13.46 8.38 2.31
CA LEU B 225 -14.18 9.65 2.30
C LEU B 225 -13.45 10.54 3.32
N GLY B 226 -12.71 11.51 2.82
CA GLY B 226 -11.95 12.36 3.72
C GLY B 226 -10.84 11.52 4.33
N CYS B 227 -10.36 11.90 5.50
CA CYS B 227 -9.31 11.13 6.17
C CYS B 227 -9.55 11.19 7.65
N GLY B 228 -9.97 10.07 8.23
CA GLY B 228 -10.19 10.03 9.65
C GLY B 228 -11.52 10.53 10.21
N GLN B 229 -12.61 10.39 9.47
CA GLN B 229 -13.90 10.81 10.03
C GLN B 229 -14.53 9.68 10.84
N LYS B 230 -15.04 10.04 12.01
CA LYS B 230 -15.65 9.11 12.94
C LYS B 230 -16.63 8.16 12.27
N ASP B 231 -16.47 6.88 12.55
CA ASP B 231 -17.34 5.84 12.00
C ASP B 231 -17.26 5.57 10.51
N VAL B 232 -16.51 6.39 9.77
CA VAL B 232 -16.33 6.19 8.34
C VAL B 232 -14.99 5.49 8.16
N PRO B 233 -15.02 4.18 7.81
CA PRO B 233 -13.80 3.38 7.62
C PRO B 233 -13.07 3.63 6.31
N GLY B 234 -11.81 3.21 6.25
CA GLY B 234 -11.06 3.39 5.02
C GLY B 234 -11.34 2.13 4.20
N VAL B 235 -11.16 2.20 2.89
CA VAL B 235 -11.39 1.05 2.05
C VAL B 235 -10.07 0.59 1.44
N TYR B 236 -9.94 -0.73 1.33
CA TYR B 236 -8.73 -1.37 0.83
C TYR B 236 -9.06 -2.45 -0.14
N THR B 237 -8.16 -2.69 -1.08
CA THR B 237 -8.32 -3.75 -2.05
C THR B 237 -8.06 -5.04 -1.27
N LYS B 238 -9.00 -5.98 -1.39
CA LYS B 238 -8.94 -7.28 -0.71
C LYS B 238 -8.02 -8.24 -1.48
N VAL B 239 -6.75 -8.27 -1.06
CA VAL B 239 -5.65 -9.04 -1.64
C VAL B 239 -5.85 -10.56 -1.83
N THR B 240 -6.53 -11.20 -0.89
CA THR B 240 -6.77 -12.63 -0.98
C THR B 240 -7.51 -12.94 -2.28
N ASN B 241 -8.27 -11.98 -2.78
CA ASN B 241 -9.03 -12.16 -4.00
C ASN B 241 -8.16 -12.05 -5.23
N TYR B 242 -6.92 -11.60 -5.06
CA TYR B 242 -6.05 -11.40 -6.21
C TYR B 242 -4.79 -12.27 -6.31
N LEU B 243 -4.66 -13.25 -5.42
CA LEU B 243 -3.52 -14.15 -5.41
C LEU B 243 -3.28 -14.86 -6.75
N ASP B 244 -4.34 -15.38 -7.36
CA ASP B 244 -4.16 -16.03 -8.64
C ASP B 244 -3.71 -15.01 -9.69
N TRP B 245 -4.25 -13.79 -9.66
CA TRP B 245 -3.88 -12.72 -10.60
C TRP B 245 -2.43 -12.27 -10.38
N ILE B 246 -1.99 -12.27 -9.14
CA ILE B 246 -0.63 -11.86 -8.85
C ILE B 246 0.31 -12.85 -9.51
N ARG B 247 0.03 -14.13 -9.30
CA ARG B 247 0.84 -15.22 -9.89
C ARG B 247 0.86 -15.21 -11.41
N ASP B 248 -0.31 -15.22 -12.02
CA ASP B 248 -0.37 -15.21 -13.47
C ASP B 248 0.34 -14.01 -14.05
N ASN B 249 0.37 -12.90 -13.32
CA ASN B 249 0.98 -11.70 -13.87
C ASN B 249 2.43 -11.44 -13.58
N MET B 250 3.00 -12.20 -12.66
CA MET B 250 4.41 -12.03 -12.33
C MET B 250 5.29 -12.64 -13.44
N ARG B 251 5.35 -11.96 -14.58
CA ARG B 251 6.10 -12.42 -15.74
C ARG B 251 7.33 -11.59 -16.10
N PRO B 252 8.43 -12.24 -16.50
CA PRO B 252 9.68 -11.59 -16.90
C PRO B 252 9.46 -10.90 -18.25
#